data_3RCJ
#
_entry.id   3RCJ
#
_cell.length_a   148.870
_cell.length_b   44.390
_cell.length_c   47.100
_cell.angle_alpha   90.00
_cell.angle_beta   101.01
_cell.angle_gamma   90.00
#
_symmetry.space_group_name_H-M   'C 1 2 1'
#
loop_
_entity.id
_entity.type
_entity.pdbx_description
1 polymer '3-phosphoinositide-dependent protein kinase 1'
2 non-polymer 3-(1-benzyl-1H-1,2,3-triazol-4-yl)-1H-pyrrolo[2,3-b]pyridine
3 water water
#
_entity_poly.entity_id   1
_entity_poly.type   'polypeptide(L)'
_entity_poly.pdbx_seq_one_letter_code
;GAMDGTAAEPRPGAGSLQHAQPPPQPRKKRPEDFKFGKILGEGSFSTVVLARELATSREYAIKILEKRHIIKENKVPYVT
RERDVMSRLDHPFFVKLYFTFQDDEKLYFGLSYAKNGELLKYIRKIGSFDETCTRFYTAEIVSALEYLHGKGIIHRDLKP
ENILLNEDMHIQITDFGTAKVLSPESKQARAN(SEP)FVGTAQYVSPELLTEKSACKSSDLWALGCIIYQLVAGLPPFRA
GNEGLIFAKIIKLEYDFPEKFFPKARDLVEKLLVLDATKRLGCEEMEGYGPLKAHPFFESVTWENLHQQTPPKLT
;
_entity_poly.pdbx_strand_id   A
#
# COMPACT_ATOMS: atom_id res chain seq x y z
N LYS A 29 1.59 -26.48 9.93
CA LYS A 29 2.37 -26.79 8.69
C LYS A 29 3.86 -26.80 8.99
N ARG A 30 4.61 -27.57 8.21
CA ARG A 30 6.07 -27.62 8.32
C ARG A 30 6.70 -27.15 7.03
N PRO A 31 7.98 -26.72 7.08
CA PRO A 31 8.69 -26.37 5.85
C PRO A 31 8.71 -27.53 4.86
N GLU A 32 8.80 -28.75 5.39
CA GLU A 32 8.84 -29.94 4.55
C GLU A 32 7.50 -30.17 3.84
N ASP A 33 6.49 -29.39 4.21
CA ASP A 33 5.18 -29.49 3.56
C ASP A 33 5.17 -28.77 2.22
N PHE A 34 6.25 -28.05 1.92
CA PHE A 34 6.32 -27.24 0.72
C PHE A 34 7.54 -27.52 -0.14
N LYS A 35 7.40 -27.25 -1.43
CA LYS A 35 8.54 -27.18 -2.33
C LYS A 35 8.81 -25.71 -2.67
N PHE A 36 9.97 -25.20 -2.30
CA PHE A 36 10.28 -23.80 -2.52
C PHE A 36 10.87 -23.56 -3.90
N GLY A 37 10.54 -22.40 -4.47
CA GLY A 37 11.03 -22.05 -5.79
C GLY A 37 11.80 -20.74 -5.74
N LYS A 38 11.55 -19.87 -6.71
CA LYS A 38 12.34 -18.65 -6.83
C LYS A 38 12.10 -17.66 -5.69
N ILE A 39 13.13 -16.90 -5.37
CA ILE A 39 13.04 -15.84 -4.38
C ILE A 39 12.27 -14.67 -4.99
N LEU A 40 11.24 -14.21 -4.30
CA LEU A 40 10.38 -13.15 -4.80
C LEU A 40 10.79 -11.79 -4.24
N GLY A 41 11.52 -11.81 -3.13
CA GLY A 41 12.02 -10.57 -2.59
C GLY A 41 13.02 -10.82 -1.48
N GLU A 42 14.08 -10.00 -1.44
CA GLU A 42 15.04 -10.09 -0.36
C GLU A 42 15.00 -8.83 0.50
N GLY A 43 14.82 -9.02 1.80
CA GLY A 43 14.82 -7.90 2.72
C GLY A 43 16.02 -7.96 3.65
N SER A 44 16.07 -7.04 4.60
CA SER A 44 17.22 -6.96 5.51
C SER A 44 17.20 -8.08 6.53
N PHE A 45 16.00 -8.45 6.97
CA PHE A 45 15.84 -9.48 7.99
C PHE A 45 14.90 -10.59 7.56
N SER A 46 14.31 -10.44 6.38
CA SER A 46 13.36 -11.43 5.88
C SER A 46 13.46 -11.63 4.38
N THR A 47 12.92 -12.75 3.90
CA THR A 47 12.92 -13.09 2.48
C THR A 47 11.53 -13.59 2.11
N VAL A 48 11.09 -13.31 0.89
CA VAL A 48 9.84 -13.89 0.40
C VAL A 48 10.15 -14.84 -0.75
N VAL A 49 9.65 -16.06 -0.64
CA VAL A 49 9.99 -17.10 -1.61
C VAL A 49 8.72 -17.76 -2.13
N LEU A 50 8.68 -18.03 -3.42
CA LEU A 50 7.55 -18.74 -4.02
C LEU A 50 7.56 -20.18 -3.52
N ALA A 51 6.38 -20.70 -3.17
CA ALA A 51 6.30 -22.06 -2.65
C ALA A 51 5.07 -22.78 -3.15
N ARG A 52 5.17 -24.10 -3.33
CA ARG A 52 4.03 -24.92 -3.68
C ARG A 52 3.77 -25.93 -2.56
N GLU A 53 2.53 -25.94 -2.05
CA GLU A 53 2.18 -26.83 -0.95
C GLU A 53 1.93 -28.22 -1.52
N LEU A 54 2.67 -29.21 -1.03
CA LEU A 54 2.65 -30.53 -1.65
C LEU A 54 1.29 -31.21 -1.56
N ALA A 55 0.65 -31.10 -0.40
CA ALA A 55 -0.60 -31.80 -0.14
C ALA A 55 -1.79 -31.23 -0.91
N THR A 56 -1.66 -30.01 -1.44
CA THR A 56 -2.76 -29.34 -2.11
C THR A 56 -2.39 -28.81 -3.49
N SER A 57 -1.10 -28.56 -3.70
CA SER A 57 -0.58 -28.08 -4.98
C SER A 57 -0.81 -26.58 -5.22
N ARG A 58 -1.28 -25.89 -4.19
CA ARG A 58 -1.45 -24.44 -4.28
C ARG A 58 -0.12 -23.70 -4.15
N GLU A 59 -0.03 -22.55 -4.79
CA GLU A 59 1.15 -21.68 -4.71
C GLU A 59 0.95 -20.57 -3.68
N TYR A 60 2.00 -20.30 -2.91
CA TYR A 60 1.98 -19.21 -1.94
C TYR A 60 3.27 -18.40 -2.05
N ALA A 61 3.21 -17.13 -1.68
CA ALA A 61 4.43 -16.39 -1.41
C ALA A 61 4.69 -16.50 0.09
N ILE A 62 5.75 -17.21 0.46
CA ILE A 62 6.01 -17.41 1.87
C ILE A 62 7.07 -16.43 2.36
N LYS A 63 6.72 -15.64 3.37
CA LYS A 63 7.67 -14.71 3.98
C LYS A 63 8.38 -15.42 5.11
N ILE A 64 9.71 -15.42 5.07
CA ILE A 64 10.51 -16.19 6.03
C ILE A 64 11.39 -15.25 6.85
N LEU A 65 11.32 -15.38 8.17
CA LEU A 65 12.13 -14.56 9.05
C LEU A 65 13.01 -15.39 9.98
N GLU A 66 14.28 -15.01 10.05
CA GLU A 66 15.26 -15.66 10.89
C GLU A 66 15.05 -15.21 12.30
N LYS A 67 14.76 -16.16 13.17
CA LYS A 67 14.38 -15.87 14.52
C LYS A 67 15.53 -15.26 15.34
N ARG A 68 16.75 -15.67 15.03
CA ARG A 68 17.88 -15.17 15.77
C ARG A 68 18.12 -13.75 15.39
N HIS A 69 17.93 -13.46 14.10
CA HIS A 69 18.12 -12.12 13.57
C HIS A 69 17.13 -11.11 14.15
N ILE A 70 15.89 -11.55 14.29
CA ILE A 70 14.84 -10.66 14.81
C ILE A 70 15.16 -10.23 16.24
N ILE A 71 15.58 -11.18 17.07
CA ILE A 71 15.92 -10.87 18.44
C ILE A 71 17.11 -9.93 18.53
N LYS A 72 18.13 -10.20 17.71
CA LYS A 72 19.34 -9.39 17.69
C LYS A 72 19.09 -7.95 17.25
N GLU A 73 18.24 -7.81 16.23
CA GLU A 73 17.93 -6.49 15.68
C GLU A 73 16.71 -5.85 16.32
N ASN A 74 16.09 -6.53 17.28
CA ASN A 74 14.90 -6.01 17.93
C ASN A 74 13.79 -5.71 16.93
N LYS A 75 13.62 -6.61 15.97
CA LYS A 75 12.61 -6.48 14.93
C LYS A 75 11.32 -7.21 15.28
N VAL A 76 11.23 -7.69 16.51
CA VAL A 76 10.08 -8.46 16.96
C VAL A 76 8.77 -7.68 16.89
N PRO A 77 8.82 -6.39 17.24
CA PRO A 77 7.61 -5.56 17.20
C PRO A 77 7.07 -5.48 15.78
N TYR A 78 7.98 -5.33 14.82
CA TYR A 78 7.63 -5.27 13.41
C TYR A 78 7.02 -6.59 12.95
N VAL A 79 7.42 -7.68 13.59
CA VAL A 79 7.00 -9.02 13.18
C VAL A 79 5.68 -9.44 13.83
N THR A 80 5.53 -9.14 15.12
CA THR A 80 4.32 -9.49 15.85
C THR A 80 3.18 -8.59 15.37
N ARG A 81 3.51 -7.33 15.11
CA ARG A 81 2.55 -6.35 14.61
C ARG A 81 1.99 -6.82 13.27
N GLU A 82 2.89 -7.27 12.39
CA GLU A 82 2.51 -7.63 11.03
C GLU A 82 1.56 -8.82 11.01
N ARG A 83 1.81 -9.79 11.89
CA ARG A 83 0.96 -10.97 11.96
C ARG A 83 -0.46 -10.59 12.36
N ASP A 84 -0.57 -9.76 13.40
CA ASP A 84 -1.87 -9.37 13.92
C ASP A 84 -2.65 -8.50 12.93
N VAL A 85 -1.95 -7.59 12.25
CA VAL A 85 -2.60 -6.75 11.26
C VAL A 85 -3.14 -7.58 10.11
N MET A 86 -2.30 -8.45 9.55
CA MET A 86 -2.70 -9.25 8.39
C MET A 86 -3.80 -10.24 8.73
N SER A 87 -3.85 -10.66 9.99
CA SER A 87 -4.89 -11.58 10.43
C SER A 87 -6.27 -10.93 10.34
N ARG A 88 -6.30 -9.61 10.33
CA ARG A 88 -7.56 -8.87 10.29
C ARG A 88 -8.05 -8.65 8.87
N LEU A 89 -7.17 -8.81 7.90
CA LEU A 89 -7.48 -8.46 6.51
C LEU A 89 -8.16 -9.61 5.77
N ASP A 90 -9.29 -9.32 5.16
CA ASP A 90 -9.98 -10.27 4.30
C ASP A 90 -10.72 -9.53 3.20
N HIS A 91 -9.98 -9.02 2.22
CA HIS A 91 -10.56 -8.25 1.13
C HIS A 91 -9.80 -8.57 -0.16
N PRO A 92 -10.51 -8.60 -1.30
CA PRO A 92 -9.84 -9.01 -2.54
C PRO A 92 -8.63 -8.18 -2.96
N PHE A 93 -8.55 -6.93 -2.51
CA PHE A 93 -7.44 -6.06 -2.93
C PHE A 93 -6.27 -6.04 -1.94
N PHE A 94 -6.27 -6.96 -0.99
CA PHE A 94 -5.13 -7.10 -0.06
C PHE A 94 -4.55 -8.50 -0.08
N VAL A 95 -3.24 -8.61 0.10
CA VAL A 95 -2.61 -9.90 0.32
C VAL A 95 -3.27 -10.54 1.53
N LYS A 96 -3.51 -11.85 1.47
CA LYS A 96 -4.08 -12.57 2.60
C LYS A 96 -3.01 -13.40 3.32
N LEU A 97 -3.10 -13.46 4.65
CA LEU A 97 -2.30 -14.38 5.44
C LEU A 97 -3.08 -15.68 5.62
N TYR A 98 -2.61 -16.75 5.00
CA TYR A 98 -3.30 -18.02 5.05
C TYR A 98 -2.88 -18.88 6.24
N PHE A 99 -1.58 -18.89 6.52
CA PHE A 99 -1.04 -19.70 7.61
C PHE A 99 0.26 -19.13 8.15
N THR A 100 0.59 -19.52 9.38
CA THR A 100 1.91 -19.22 9.93
C THR A 100 2.42 -20.46 10.65
N PHE A 101 3.72 -20.70 10.55
CA PHE A 101 4.36 -21.77 11.27
C PHE A 101 5.79 -21.41 11.65
N GLN A 102 6.44 -22.27 12.40
CA GLN A 102 7.78 -21.99 12.87
C GLN A 102 8.57 -23.27 13.10
N ASP A 103 9.88 -23.12 13.04
CA ASP A 103 10.80 -24.20 13.37
C ASP A 103 11.83 -23.59 14.28
N ASP A 104 12.84 -24.35 14.68
CA ASP A 104 13.68 -23.89 15.76
C ASP A 104 14.27 -22.56 15.41
N GLU A 105 14.64 -22.37 14.15
CA GLU A 105 15.27 -21.14 13.70
C GLU A 105 14.47 -20.11 12.89
N LYS A 106 13.29 -20.47 12.39
CA LYS A 106 12.59 -19.55 11.48
C LYS A 106 11.10 -19.36 11.68
N LEU A 107 10.60 -18.20 11.28
CA LEU A 107 9.16 -17.92 11.21
C LEU A 107 8.71 -17.88 9.75
N TYR A 108 7.57 -18.51 9.46
CA TYR A 108 7.03 -18.53 8.10
C TYR A 108 5.61 -17.95 8.04
N PHE A 109 5.40 -17.01 7.13
CA PHE A 109 4.06 -16.46 6.87
C PHE A 109 3.62 -16.83 5.45
N GLY A 110 2.53 -17.59 5.34
CA GLY A 110 2.03 -17.94 4.03
C GLY A 110 1.11 -16.86 3.47
N LEU A 111 1.55 -16.20 2.40
CA LEU A 111 0.82 -15.08 1.81
C LEU A 111 0.30 -15.39 0.41
N SER A 112 -0.70 -14.62 -0.02
CA SER A 112 -1.15 -14.64 -1.41
C SER A 112 0.03 -14.38 -2.35
N TYR A 113 0.10 -15.16 -3.42
CA TYR A 113 1.10 -14.94 -4.46
C TYR A 113 0.52 -14.05 -5.58
N ALA A 114 1.18 -12.94 -5.86
CA ALA A 114 0.75 -12.06 -6.94
C ALA A 114 1.74 -12.16 -8.10
N LYS A 115 1.31 -12.85 -9.15
CA LYS A 115 2.20 -13.29 -10.22
C LYS A 115 2.78 -12.14 -11.06
N ASN A 116 2.07 -11.04 -11.16
CA ASN A 116 2.43 -10.01 -12.13
C ASN A 116 3.21 -8.83 -11.58
N GLY A 117 3.77 -8.99 -10.38
CA GLY A 117 4.75 -8.04 -9.89
C GLY A 117 4.19 -6.74 -9.33
N GLU A 118 5.06 -5.75 -9.22
CA GLU A 118 4.74 -4.45 -8.61
C GLU A 118 4.12 -3.50 -9.63
N LEU A 119 3.24 -2.62 -9.15
CA LEU A 119 2.68 -1.56 -9.97
C LEU A 119 3.80 -0.66 -10.53
N LEU A 120 4.85 -0.48 -9.73
CA LEU A 120 5.98 0.36 -10.13
C LEU A 120 6.58 -0.13 -11.45
N LYS A 121 6.70 -1.44 -11.59
CA LYS A 121 7.28 -2.04 -12.78
C LYS A 121 6.56 -1.55 -14.03
N TYR A 122 5.23 -1.43 -13.94
CA TYR A 122 4.43 -1.00 -15.08
C TYR A 122 4.52 0.50 -15.32
N ILE A 123 4.57 1.29 -14.26
CA ILE A 123 4.75 2.73 -14.41
C ILE A 123 6.06 3.02 -15.15
N ARG A 124 7.12 2.32 -14.77
CA ARG A 124 8.42 2.53 -15.39
C ARG A 124 8.41 2.07 -16.85
N LYS A 125 7.72 0.98 -17.12
CA LYS A 125 7.71 0.35 -18.44
C LYS A 125 6.89 1.15 -19.45
N ILE A 126 5.71 1.59 -19.03
CA ILE A 126 4.79 2.28 -19.93
C ILE A 126 4.99 3.79 -19.84
N GLY A 127 5.63 4.23 -18.77
CA GLY A 127 5.94 5.63 -18.62
C GLY A 127 4.86 6.40 -17.91
N SER A 128 3.62 6.22 -18.35
CA SER A 128 2.48 6.83 -17.70
C SER A 128 1.18 6.20 -18.18
N PHE A 129 0.23 6.02 -17.27
CA PHE A 129 -1.04 5.37 -17.58
C PHE A 129 -1.98 6.32 -18.31
N ASP A 130 -2.77 5.80 -19.25
CA ASP A 130 -3.81 6.63 -19.84
C ASP A 130 -4.93 6.86 -18.82
N GLU A 131 -5.95 7.62 -19.19
CA GLU A 131 -6.94 8.04 -18.22
C GLU A 131 -7.80 6.86 -17.73
N THR A 132 -8.12 5.95 -18.63
CA THR A 132 -8.94 4.81 -18.24
C THR A 132 -8.20 3.91 -17.25
N CYS A 133 -6.93 3.66 -17.52
CA CYS A 133 -6.11 2.84 -16.63
C CYS A 133 -5.83 3.56 -15.31
N THR A 134 -5.54 4.86 -15.38
CA THR A 134 -5.38 5.63 -14.15
C THR A 134 -6.63 5.55 -13.30
N ARG A 135 -7.80 5.74 -13.90
CA ARG A 135 -9.03 5.73 -13.14
C ARG A 135 -9.31 4.37 -12.52
N PHE A 136 -9.07 3.30 -13.27
CA PHE A 136 -9.41 1.95 -12.80
C PHE A 136 -8.54 1.54 -11.61
N TYR A 137 -7.23 1.73 -11.76
CA TYR A 137 -6.35 1.32 -10.67
C TYR A 137 -6.42 2.27 -9.48
N THR A 138 -6.67 3.55 -9.72
CA THR A 138 -6.91 4.47 -8.61
C THR A 138 -8.18 4.04 -7.85
N ALA A 139 -9.23 3.68 -8.58
CA ALA A 139 -10.47 3.24 -7.93
C ALA A 139 -10.22 1.99 -7.06
N GLU A 140 -9.40 1.06 -7.55
CA GLU A 140 -9.12 -0.13 -6.75
C GLU A 140 -8.37 0.24 -5.47
N ILE A 141 -7.43 1.17 -5.56
CA ILE A 141 -6.70 1.58 -4.36
C ILE A 141 -7.62 2.30 -3.39
N VAL A 142 -8.49 3.16 -3.91
CA VAL A 142 -9.49 3.82 -3.08
C VAL A 142 -10.39 2.81 -2.37
N SER A 143 -10.86 1.80 -3.10
CA SER A 143 -11.69 0.76 -2.52
C SER A 143 -10.93 0.01 -1.42
N ALA A 144 -9.66 -0.29 -1.67
CA ALA A 144 -8.83 -0.96 -0.67
C ALA A 144 -8.70 -0.10 0.59
N LEU A 145 -8.40 1.18 0.42
CA LEU A 145 -8.22 2.06 1.58
C LEU A 145 -9.51 2.25 2.37
N GLU A 146 -10.64 2.30 1.68
CA GLU A 146 -11.93 2.39 2.36
C GLU A 146 -12.12 1.20 3.30
N TYR A 147 -11.80 0.00 2.82
CA TYR A 147 -11.86 -1.19 3.66
C TYR A 147 -10.87 -1.11 4.83
N LEU A 148 -9.63 -0.76 4.53
CA LEU A 148 -8.57 -0.78 5.54
C LEU A 148 -8.86 0.23 6.66
N HIS A 149 -9.22 1.43 6.26
CA HIS A 149 -9.56 2.47 7.20
C HIS A 149 -10.81 2.15 8.02
N GLY A 150 -11.74 1.43 7.42
CA GLY A 150 -12.94 0.98 8.09
C GLY A 150 -12.60 0.07 9.24
N LYS A 151 -11.52 -0.69 9.09
CA LYS A 151 -11.05 -1.58 10.13
C LYS A 151 -10.16 -0.88 11.15
N GLY A 152 -9.95 0.41 10.99
CA GLY A 152 -9.13 1.15 11.91
C GLY A 152 -7.63 0.93 11.78
N ILE A 153 -7.19 0.63 10.56
CA ILE A 153 -5.78 0.38 10.28
C ILE A 153 -5.15 1.37 9.31
N ILE A 154 -3.95 1.83 9.61
CA ILE A 154 -3.21 2.74 8.74
C ILE A 154 -2.02 1.99 8.16
N HIS A 155 -1.91 1.94 6.83
CA HIS A 155 -0.79 1.24 6.22
C HIS A 155 0.56 1.91 6.51
N ARG A 156 0.60 3.22 6.29
CA ARG A 156 1.75 4.08 6.60
C ARG A 156 2.92 3.99 5.60
N ASP A 157 2.85 3.04 4.67
CA ASP A 157 3.90 2.90 3.66
C ASP A 157 3.34 2.58 2.28
N LEU A 158 2.22 3.21 1.93
CA LEU A 158 1.62 2.94 0.64
C LEU A 158 2.48 3.51 -0.47
N LYS A 159 2.78 2.70 -1.47
CA LYS A 159 3.56 3.15 -2.63
C LYS A 159 3.50 2.08 -3.72
N PRO A 160 3.84 2.45 -4.97
CA PRO A 160 3.65 1.51 -6.08
C PRO A 160 4.37 0.17 -5.88
N GLU A 161 5.49 0.20 -5.16
CA GLU A 161 6.25 -1.02 -4.90
C GLU A 161 5.50 -2.01 -4.03
N ASN A 162 4.55 -1.50 -3.24
CA ASN A 162 3.77 -2.32 -2.32
C ASN A 162 2.39 -2.66 -2.85
N ILE A 163 2.11 -2.23 -4.09
CA ILE A 163 0.83 -2.55 -4.71
C ILE A 163 1.10 -3.56 -5.81
N LEU A 164 0.85 -4.83 -5.51
CA LEU A 164 1.15 -5.90 -6.46
C LEU A 164 -0.02 -6.13 -7.38
N LEU A 165 0.23 -6.86 -8.45
CA LEU A 165 -0.81 -7.24 -9.41
C LEU A 165 -0.89 -8.75 -9.47
N ASN A 166 -2.09 -9.30 -9.28
CA ASN A 166 -2.27 -10.73 -9.31
C ASN A 166 -2.41 -11.22 -10.76
N GLU A 167 -2.69 -12.51 -10.92
CA GLU A 167 -2.74 -13.12 -12.23
C GLU A 167 -3.76 -12.45 -13.15
N ASP A 168 -4.82 -11.90 -12.56
CA ASP A 168 -5.90 -11.28 -13.32
C ASP A 168 -5.69 -9.77 -13.49
N MET A 169 -4.57 -9.27 -12.99
CA MET A 169 -4.21 -7.85 -13.07
C MET A 169 -5.08 -6.94 -12.20
N HIS A 170 -5.63 -7.52 -11.14
CA HIS A 170 -6.21 -6.71 -10.05
C HIS A 170 -5.13 -6.48 -8.99
N ILE A 171 -5.27 -5.40 -8.21
CA ILE A 171 -4.24 -5.10 -7.22
C ILE A 171 -4.32 -6.00 -5.99
N GLN A 172 -3.16 -6.19 -5.36
CA GLN A 172 -3.02 -6.88 -4.10
C GLN A 172 -2.06 -6.00 -3.29
N ILE A 173 -2.53 -5.42 -2.20
CA ILE A 173 -1.67 -4.56 -1.39
C ILE A 173 -0.97 -5.38 -0.30
N THR A 174 0.34 -5.17 -0.18
CA THR A 174 1.16 -5.93 0.77
C THR A 174 2.04 -5.05 1.68
N ASP A 175 2.98 -5.70 2.36
CA ASP A 175 3.90 -5.01 3.28
C ASP A 175 3.26 -4.27 4.45
N PHE A 176 2.66 -5.03 5.35
CA PHE A 176 1.98 -4.50 6.52
C PHE A 176 2.84 -4.41 7.78
N GLY A 177 4.15 -4.57 7.62
CA GLY A 177 5.07 -4.49 8.73
C GLY A 177 5.04 -3.13 9.40
N THR A 178 4.87 -2.08 8.61
CA THR A 178 4.80 -0.71 9.11
C THR A 178 3.40 -0.25 9.49
N ALA A 179 2.41 -1.12 9.27
CA ALA A 179 1.00 -0.79 9.55
C ALA A 179 0.68 -0.64 11.03
N LYS A 180 -0.30 0.20 11.34
CA LYS A 180 -0.72 0.42 12.73
C LYS A 180 -2.23 0.16 12.91
N VAL A 181 -2.59 -0.62 13.93
CA VAL A 181 -3.98 -0.73 14.32
C VAL A 181 -4.28 0.35 15.36
N LEU A 182 -5.20 1.25 15.02
CA LEU A 182 -5.59 2.31 15.93
C LEU A 182 -6.63 1.76 16.91
N SER A 183 -6.52 2.15 18.16
CA SER A 183 -7.38 1.58 19.20
C SER A 183 -8.77 2.21 19.18
N PRO A 184 -9.81 1.38 19.07
CA PRO A 184 -11.21 1.85 19.09
C PRO A 184 -11.59 2.40 20.46
N GLU A 185 -10.99 1.80 21.50
CA GLU A 185 -11.39 2.06 22.87
C GLU A 185 -11.06 3.48 23.32
N SER A 186 -10.01 4.05 22.75
CA SER A 186 -9.61 5.42 23.08
C SER A 186 -9.83 6.34 21.88
N LYS A 187 -10.55 5.85 20.88
CA LYS A 187 -10.79 6.62 19.67
C LYS A 187 -9.49 7.22 19.17
N GLN A 188 -8.45 6.38 19.15
CA GLN A 188 -7.13 6.81 18.76
C GLN A 188 -7.16 7.30 17.31
N ALA A 189 -6.37 8.34 17.04
CA ALA A 189 -6.33 8.93 15.70
C ALA A 189 -4.89 9.04 15.21
N ARG A 190 -3.94 9.07 16.14
CA ARG A 190 -2.54 9.34 15.80
C ARG A 190 -1.61 8.15 16.10
N ALA A 191 -0.67 7.90 15.20
CA ALA A 191 0.40 6.94 15.44
C ALA A 191 1.75 7.65 15.46
N ASN A 192 2.57 7.31 16.44
CA ASN A 192 3.79 8.03 16.70
C ASN A 192 5.13 7.55 16.11
N PHE A 194 8.03 6.82 13.52
CA PHE A 194 8.37 7.40 12.26
C PHE A 194 8.70 6.26 11.30
N VAL A 195 7.79 6.01 10.39
CA VAL A 195 7.97 4.96 9.40
C VAL A 195 7.51 5.49 8.05
N GLY A 196 7.89 4.80 6.99
CA GLY A 196 7.47 5.20 5.66
C GLY A 196 8.62 5.35 4.69
N THR A 197 8.30 5.85 3.50
CA THR A 197 9.26 6.05 2.43
C THR A 197 9.20 7.52 2.03
N ALA A 198 10.35 8.18 1.95
CA ALA A 198 10.40 9.64 1.90
C ALA A 198 9.46 10.27 0.86
N GLN A 199 9.44 9.71 -0.34
CA GLN A 199 8.66 10.33 -1.42
C GLN A 199 7.17 10.36 -1.12
N TYR A 200 6.72 9.50 -0.20
CA TYR A 200 5.29 9.34 0.05
C TYR A 200 4.88 9.73 1.48
N VAL A 201 5.86 10.15 2.28
CA VAL A 201 5.62 10.52 3.66
C VAL A 201 4.79 11.80 3.75
N SER A 202 3.87 11.85 4.72
CA SER A 202 2.95 12.98 4.84
C SER A 202 3.57 14.15 5.60
N PRO A 203 3.11 15.37 5.33
CA PRO A 203 3.67 16.52 6.04
C PRO A 203 3.48 16.47 7.55
N GLU A 204 2.36 15.90 8.00
CA GLU A 204 2.11 15.83 9.44
C GLU A 204 3.10 14.92 10.15
N LEU A 205 3.55 13.86 9.49
CA LEU A 205 4.57 13.00 10.10
C LEU A 205 5.88 13.78 10.25
N LEU A 206 6.16 14.66 9.29
CA LEU A 206 7.38 15.44 9.34
C LEU A 206 7.36 16.57 10.36
N THR A 207 6.19 17.22 10.51
CA THR A 207 6.10 18.39 11.38
C THR A 207 5.48 18.12 12.74
N GLU A 208 4.44 17.29 12.77
CA GLU A 208 3.73 16.98 14.01
C GLU A 208 4.29 15.71 14.64
N LYS A 209 5.07 14.97 13.84
CA LYS A 209 5.73 13.75 14.28
C LYS A 209 4.76 12.59 14.54
N SER A 210 3.57 12.67 13.94
CA SER A 210 2.61 11.57 14.04
C SER A 210 1.80 11.45 12.76
N ALA A 211 1.26 10.26 12.53
CA ALA A 211 0.45 9.98 11.35
C ALA A 211 -0.98 9.59 11.73
N CYS A 212 -1.88 9.64 10.74
CA CYS A 212 -3.28 9.27 10.92
C CYS A 212 -3.76 8.58 9.65
N LYS A 213 -5.02 8.16 9.61
CA LYS A 213 -5.54 7.50 8.41
C LYS A 213 -5.31 8.40 7.21
N SER A 214 -5.50 9.70 7.41
CA SER A 214 -5.38 10.67 6.33
C SER A 214 -3.98 10.69 5.71
N SER A 215 -2.98 10.22 6.46
CA SER A 215 -1.64 10.10 5.92
C SER A 215 -1.57 9.16 4.71
N ASP A 216 -2.41 8.12 4.70
CA ASP A 216 -2.49 7.20 3.56
C ASP A 216 -3.13 7.89 2.34
N LEU A 217 -4.00 8.87 2.58
CA LEU A 217 -4.63 9.60 1.50
C LEU A 217 -3.64 10.56 0.83
N TRP A 218 -2.70 11.07 1.62
CA TRP A 218 -1.61 11.85 1.04
C TRP A 218 -0.81 10.96 0.09
N ALA A 219 -0.47 9.76 0.54
CA ALA A 219 0.26 8.82 -0.30
C ALA A 219 -0.54 8.49 -1.57
N LEU A 220 -1.85 8.32 -1.42
CA LEU A 220 -2.69 8.07 -2.59
C LEU A 220 -2.56 9.21 -3.60
N GLY A 221 -2.55 10.45 -3.11
CA GLY A 221 -2.36 11.58 -4.01
C GLY A 221 -1.06 11.52 -4.77
N CYS A 222 0.03 11.18 -4.06
CA CYS A 222 1.33 11.00 -4.70
C CYS A 222 1.29 9.92 -5.77
N ILE A 223 0.59 8.83 -5.47
CA ILE A 223 0.53 7.70 -6.40
C ILE A 223 -0.27 8.05 -7.66
N ILE A 224 -1.40 8.71 -7.48
CA ILE A 224 -2.18 9.13 -8.65
C ILE A 224 -1.32 10.02 -9.53
N TYR A 225 -0.65 11.00 -8.93
CA TYR A 225 0.22 11.91 -9.68
C TYR A 225 1.28 11.11 -10.44
N GLN A 226 1.86 10.12 -9.77
CA GLN A 226 2.90 9.30 -10.38
C GLN A 226 2.40 8.46 -11.56
N LEU A 227 1.19 7.92 -11.46
CA LEU A 227 0.61 7.15 -12.57
C LEU A 227 0.49 7.99 -13.84
N VAL A 228 0.13 9.26 -13.68
CA VAL A 228 -0.08 10.13 -14.82
C VAL A 228 1.22 10.80 -15.29
N ALA A 229 2.04 11.24 -14.33
CA ALA A 229 3.23 12.04 -14.61
C ALA A 229 4.48 11.21 -14.87
N GLY A 230 4.49 9.98 -14.34
CA GLY A 230 5.63 9.10 -14.52
C GLY A 230 6.60 9.08 -13.35
N LEU A 231 6.50 10.10 -12.49
CA LEU A 231 7.34 10.21 -11.30
C LEU A 231 6.48 10.77 -10.17
N PRO A 232 6.85 10.49 -8.92
CA PRO A 232 6.10 11.10 -7.82
C PRO A 232 6.35 12.61 -7.74
N PRO A 233 5.44 13.32 -7.12
CA PRO A 233 5.45 14.78 -7.10
C PRO A 233 6.61 15.45 -6.41
N PHE A 234 7.04 14.89 -5.29
CA PHE A 234 8.15 15.45 -4.55
C PHE A 234 9.31 14.53 -4.80
N ARG A 235 10.31 14.98 -5.50
CA ARG A 235 11.43 14.10 -5.80
C ARG A 235 12.73 14.87 -5.76
N ALA A 236 13.78 14.23 -5.27
CA ALA A 236 15.08 14.87 -5.15
C ALA A 236 16.13 13.80 -4.91
N GLY A 237 17.40 14.16 -5.01
CA GLY A 237 18.47 13.18 -4.92
C GLY A 237 18.71 12.71 -3.50
N ASN A 238 18.06 13.32 -2.52
CA ASN A 238 18.13 12.81 -1.16
C ASN A 238 16.90 13.15 -0.32
N GLU A 239 16.73 12.43 0.78
CA GLU A 239 15.53 12.52 1.60
C GLU A 239 15.30 13.91 2.18
N GLY A 240 16.35 14.56 2.65
CA GLY A 240 16.17 15.86 3.28
C GLY A 240 15.57 16.88 2.33
N LEU A 241 16.02 16.85 1.08
CA LEU A 241 15.50 17.76 0.07
C LEU A 241 14.03 17.47 -0.22
N ILE A 242 13.69 16.19 -0.25
CA ILE A 242 12.30 15.78 -0.43
C ILE A 242 11.42 16.29 0.71
N PHE A 243 11.88 16.11 1.95
CA PHE A 243 11.12 16.56 3.11
C PHE A 243 10.85 18.05 3.01
N ALA A 244 11.85 18.82 2.60
CA ALA A 244 11.69 20.26 2.54
C ALA A 244 10.58 20.66 1.57
N LYS A 245 10.48 19.95 0.45
CA LYS A 245 9.46 20.26 -0.53
C LYS A 245 8.07 19.83 -0.09
N ILE A 246 8.00 18.72 0.63
CA ILE A 246 6.71 18.22 1.12
C ILE A 246 6.08 19.24 2.06
N ILE A 247 6.88 19.71 3.01
CA ILE A 247 6.41 20.64 4.02
C ILE A 247 5.92 21.96 3.42
N LYS A 248 6.49 22.34 2.28
CA LYS A 248 6.10 23.59 1.62
C LYS A 248 5.06 23.37 0.51
N LEU A 249 4.69 22.12 0.29
CA LEU A 249 3.78 21.75 -0.79
C LEU A 249 4.31 22.26 -2.14
N GLU A 250 5.61 22.08 -2.33
CA GLU A 250 6.28 22.52 -3.55
C GLU A 250 6.32 21.42 -4.59
N TYR A 251 5.38 21.47 -5.53
CA TYR A 251 5.38 20.59 -6.70
C TYR A 251 4.58 21.24 -7.83
N ASP A 252 4.75 20.73 -9.05
CA ASP A 252 4.05 21.26 -10.23
C ASP A 252 3.45 20.10 -11.03
N PHE A 253 2.44 20.39 -11.83
CA PHE A 253 1.87 19.41 -12.72
C PHE A 253 2.43 19.61 -14.13
N PRO A 254 2.67 18.50 -14.82
CA PRO A 254 3.15 18.53 -16.20
C PRO A 254 1.99 18.90 -17.12
N GLU A 255 2.30 19.42 -18.30
CA GLU A 255 1.26 19.78 -19.25
C GLU A 255 0.54 18.52 -19.71
N LYS A 256 -0.76 18.64 -19.94
CA LYS A 256 -1.56 17.51 -20.41
C LYS A 256 -2.05 16.58 -19.31
N PHE A 257 -1.78 16.92 -18.05
CA PHE A 257 -2.24 16.10 -16.94
C PHE A 257 -3.76 16.13 -17.06
N PHE A 258 -4.41 14.98 -16.91
CA PHE A 258 -5.86 14.98 -17.07
C PHE A 258 -6.42 15.95 -16.06
N PRO A 259 -7.31 16.82 -16.51
CA PRO A 259 -7.87 17.83 -15.60
C PRO A 259 -8.59 17.35 -14.35
N LYS A 260 -9.42 16.34 -14.47
CA LYS A 260 -10.20 15.87 -13.33
C LYS A 260 -9.30 15.11 -12.36
N ALA A 261 -8.27 14.46 -12.89
CA ALA A 261 -7.25 13.82 -12.06
C ALA A 261 -6.45 14.90 -11.32
N ARG A 262 -6.13 15.99 -12.00
CA ARG A 262 -5.41 17.07 -11.35
C ARG A 262 -6.22 17.63 -10.19
N ASP A 263 -7.51 17.81 -10.40
CA ASP A 263 -8.37 18.32 -9.34
C ASP A 263 -8.37 17.37 -8.14
N LEU A 264 -8.47 16.07 -8.41
CA LEU A 264 -8.45 15.08 -7.35
C LEU A 264 -7.13 15.11 -6.59
N VAL A 265 -6.01 15.17 -7.30
CA VAL A 265 -4.72 15.25 -6.62
C VAL A 265 -4.65 16.48 -5.74
N GLU A 266 -5.15 17.61 -6.23
CA GLU A 266 -5.13 18.85 -5.45
C GLU A 266 -6.02 18.78 -4.21
N LYS A 267 -6.94 17.84 -4.19
CA LYS A 267 -7.81 17.66 -3.04
C LYS A 267 -7.26 16.63 -2.05
N LEU A 268 -6.17 15.96 -2.43
CA LEU A 268 -5.52 14.98 -1.57
C LEU A 268 -4.19 15.51 -1.04
N LEU A 269 -3.44 16.19 -1.90
CA LEU A 269 -2.18 16.77 -1.47
C LEU A 269 -2.44 18.13 -0.82
N VAL A 270 -2.99 18.06 0.39
CA VAL A 270 -3.33 19.25 1.16
C VAL A 270 -2.60 19.13 2.50
N LEU A 271 -1.93 20.20 2.91
CA LEU A 271 -1.07 20.12 4.09
C LEU A 271 -1.87 19.75 5.33
N ASP A 272 -3.05 20.33 5.47
CA ASP A 272 -3.92 20.06 6.61
C ASP A 272 -4.60 18.70 6.46
N ALA A 273 -4.22 17.76 7.31
CA ALA A 273 -4.70 16.39 7.18
C ALA A 273 -6.20 16.24 7.39
N THR A 274 -6.84 17.23 8.01
CA THR A 274 -8.28 17.16 8.24
C THR A 274 -9.08 17.70 7.06
N LYS A 275 -8.37 18.11 6.00
CA LYS A 275 -9.02 18.69 4.85
C LYS A 275 -8.85 17.87 3.57
N ARG A 276 -8.33 16.65 3.69
CA ARG A 276 -8.14 15.79 2.54
C ARG A 276 -9.41 15.00 2.20
N LEU A 277 -9.75 14.98 0.92
CA LEU A 277 -10.94 14.27 0.49
C LEU A 277 -10.77 12.80 0.86
N GLY A 278 -11.76 12.26 1.57
CA GLY A 278 -11.66 10.89 2.05
C GLY A 278 -11.41 10.74 3.54
N CYS A 279 -10.87 11.78 4.19
CA CYS A 279 -10.55 11.67 5.60
C CYS A 279 -11.83 11.77 6.44
N GLU A 280 -11.75 11.33 7.69
CA GLU A 280 -12.93 11.26 8.55
C GLU A 280 -13.59 12.62 8.71
N GLU A 281 -12.78 13.65 8.85
CA GLU A 281 -13.24 15.01 9.04
C GLU A 281 -14.01 15.54 7.84
N MET A 282 -13.74 14.98 6.67
CA MET A 282 -14.39 15.36 5.45
C MET A 282 -15.50 14.37 5.16
N GLU A 283 -15.82 13.59 6.18
CA GLU A 283 -16.90 12.63 6.15
C GLU A 283 -16.69 11.36 5.31
N GLY A 284 -15.45 10.93 5.19
CA GLY A 284 -15.17 9.59 4.74
C GLY A 284 -15.10 9.35 3.27
N TYR A 285 -15.17 8.09 2.89
CA TYR A 285 -15.01 7.66 1.53
C TYR A 285 -16.09 8.02 0.52
N GLY A 286 -17.31 8.29 1.00
CA GLY A 286 -18.37 8.56 0.06
C GLY A 286 -18.11 9.77 -0.80
N PRO A 287 -17.67 10.84 -0.20
CA PRO A 287 -17.34 12.05 -0.94
C PRO A 287 -16.17 11.83 -1.89
N LEU A 288 -15.20 11.02 -1.49
CA LEU A 288 -14.06 10.73 -2.34
C LEU A 288 -14.49 9.91 -3.57
N LYS A 289 -15.29 8.87 -3.35
CA LYS A 289 -15.75 8.03 -4.45
C LYS A 289 -16.69 8.82 -5.37
N ALA A 290 -17.25 9.90 -4.85
CA ALA A 290 -18.15 10.75 -5.63
C ALA A 290 -17.42 11.77 -6.50
N HIS A 291 -16.10 11.84 -6.37
CA HIS A 291 -15.35 12.82 -7.16
C HIS A 291 -15.57 12.60 -8.65
N PRO A 292 -15.68 13.70 -9.42
CA PRO A 292 -15.96 13.58 -10.86
C PRO A 292 -14.99 12.70 -11.66
N PHE A 293 -13.76 12.56 -11.18
CA PHE A 293 -12.82 11.68 -11.86
C PHE A 293 -13.34 10.24 -11.91
N PHE A 294 -14.17 9.87 -10.94
CA PHE A 294 -14.66 8.50 -10.83
C PHE A 294 -16.07 8.32 -11.38
N GLU A 295 -16.59 9.31 -12.11
CA GLU A 295 -18.01 9.26 -12.47
C GLU A 295 -18.46 7.99 -13.20
N SER A 296 -17.60 7.43 -14.04
CA SER A 296 -17.95 6.24 -14.80
C SER A 296 -17.69 4.92 -14.05
N VAL A 297 -17.21 5.02 -12.82
CA VAL A 297 -16.82 3.82 -12.07
C VAL A 297 -18.01 3.16 -11.39
N THR A 298 -18.14 1.85 -11.58
CA THR A 298 -19.04 1.05 -10.75
C THR A 298 -18.24 0.41 -9.61
N TRP A 299 -18.54 0.81 -8.39
CA TRP A 299 -17.69 0.50 -7.25
C TRP A 299 -17.90 -0.89 -6.67
N GLU A 300 -19.15 -1.35 -6.65
CA GLU A 300 -19.49 -2.59 -5.98
C GLU A 300 -18.60 -3.76 -6.39
N ASN A 301 -18.65 -4.11 -7.68
CA ASN A 301 -18.03 -5.34 -8.16
C ASN A 301 -16.68 -5.10 -8.81
N LEU A 302 -15.95 -4.09 -8.35
CA LEU A 302 -14.69 -3.72 -8.98
C LEU A 302 -13.77 -4.92 -9.19
N HIS A 303 -13.65 -5.79 -8.19
CA HIS A 303 -12.65 -6.84 -8.23
C HIS A 303 -13.01 -7.96 -9.19
N GLN A 304 -14.21 -7.88 -9.76
CA GLN A 304 -14.66 -8.86 -10.74
C GLN A 304 -14.77 -8.30 -12.16
N GLN A 305 -14.52 -7.00 -12.29
CA GLN A 305 -14.50 -6.37 -13.62
C GLN A 305 -13.19 -6.69 -14.33
N THR A 306 -13.21 -6.68 -15.65
CA THR A 306 -11.98 -6.91 -16.42
C THR A 306 -11.14 -5.64 -16.44
N PRO A 307 -9.91 -5.70 -15.92
CA PRO A 307 -9.03 -4.53 -15.93
C PRO A 307 -8.73 -4.06 -17.35
N PRO A 308 -8.63 -2.74 -17.56
CA PRO A 308 -8.23 -2.23 -18.87
C PRO A 308 -6.79 -2.65 -19.15
N LYS A 309 -6.48 -2.96 -20.41
CA LYS A 309 -5.14 -3.39 -20.75
C LYS A 309 -4.17 -2.21 -20.68
N LEU A 310 -3.00 -2.44 -20.09
CA LEU A 310 -2.02 -1.38 -19.88
C LEU A 310 -1.13 -1.18 -21.10
#